data_5ZHY
#
_entry.id   5ZHY
#
_cell.length_a   30.108
_cell.length_b   77.348
_cell.length_c   77.386
_cell.angle_alpha   76.89
_cell.angle_beta   89.78
_cell.angle_gamma   90.20
#
_symmetry.space_group_name_H-M   'P 1'
#
_entity_poly.entity_id   1
_entity_poly.type   'polypeptide(L)'
_entity_poly.pdbx_seq_one_letter_code
;ENQKILAASFNKAMTNIVDAFTGVNDAITQTSQALQTVATALNKIQDVVNQQGNSLNHLTSQLRQNFQLVPRGSGGSGGS
GGLEVLFQGPDLVVEQYNQTILNLTSEISTLENKSAELNYTVQKLQTLIDNINSTLVDLKWLHHHHHH
;
_entity_poly.pdbx_strand_id   A,B,C,D,E,F
#
# COMPACT_ATOMS: atom_id res chain seq x y z
N LYS A 4 5.55 22.99 -37.10
CA LYS A 4 5.94 21.78 -36.39
C LYS A 4 6.78 22.12 -35.16
N ILE A 5 6.93 23.40 -34.87
CA ILE A 5 7.57 23.81 -33.62
C ILE A 5 6.71 23.34 -32.45
N LEU A 6 5.39 23.43 -32.62
CA LEU A 6 4.40 22.99 -31.64
C LEU A 6 4.43 21.48 -31.34
N ALA A 7 4.54 20.65 -32.37
CA ALA A 7 4.54 19.20 -32.19
C ALA A 7 5.82 18.73 -31.51
N ALA A 8 6.94 19.37 -31.85
CA ALA A 8 8.21 19.08 -31.22
C ALA A 8 8.21 19.56 -29.77
N SER A 9 7.62 20.72 -29.52
CA SER A 9 7.51 21.25 -28.16
C SER A 9 6.59 20.36 -27.33
N PHE A 10 5.50 19.89 -27.94
CA PHE A 10 4.55 19.02 -27.25
C PHE A 10 5.17 17.73 -26.72
N ASN A 11 5.94 17.06 -27.57
CA ASN A 11 6.58 15.80 -27.19
C ASN A 11 7.64 16.01 -26.11
N LYS A 12 8.38 17.11 -26.23
CA LYS A 12 9.36 17.47 -25.22
C LYS A 12 8.68 17.69 -23.87
N ALA A 13 7.59 18.47 -23.90
CA ALA A 13 6.77 18.73 -22.72
C ALA A 13 6.22 17.45 -22.12
N MET A 14 5.61 16.62 -22.95
CA MET A 14 5.02 15.37 -22.49
C MET A 14 6.04 14.44 -21.84
N THR A 15 7.25 14.40 -22.42
CA THR A 15 8.36 13.60 -21.88
C THR A 15 8.74 14.04 -20.48
N ASN A 16 8.89 15.35 -20.29
CA ASN A 16 9.20 15.93 -18.98
C ASN A 16 8.01 15.88 -18.03
N ILE A 17 6.80 15.99 -18.55
CA ILE A 17 5.62 15.86 -17.69
C ILE A 17 5.54 14.43 -17.17
N VAL A 18 5.89 13.47 -18.02
CA VAL A 18 5.94 12.05 -17.62
C VAL A 18 7.03 11.78 -16.59
N ASP A 19 8.22 12.33 -16.80
CA ASP A 19 9.29 12.17 -15.84
C ASP A 19 8.92 12.81 -14.49
N ALA A 20 8.31 13.99 -14.53
CA ALA A 20 7.95 14.71 -13.31
C ALA A 20 6.89 14.00 -12.50
N PHE A 21 5.85 13.48 -13.16
CA PHE A 21 4.85 12.70 -12.45
C PHE A 21 5.46 11.42 -11.88
N THR A 22 6.52 10.94 -12.53
CA THR A 22 7.24 9.77 -12.03
C THR A 22 8.01 10.13 -10.74
N GLY A 23 8.63 11.31 -10.72
CA GLY A 23 9.28 11.83 -9.54
C GLY A 23 8.29 12.08 -8.42
N VAL A 24 7.13 12.64 -8.76
CA VAL A 24 6.09 12.86 -7.75
C VAL A 24 5.63 11.53 -7.16
N ASN A 25 5.51 10.53 -8.04
CA ASN A 25 5.10 9.20 -7.63
C ASN A 25 6.04 8.54 -6.63
N ASP A 26 7.34 8.82 -6.75
CA ASP A 26 8.34 8.34 -5.82
C ASP A 26 8.23 9.01 -4.45
N ALA A 27 8.03 10.33 -4.48
CA ALA A 27 7.84 11.11 -3.27
C ALA A 27 6.60 10.58 -2.53
N ILE A 28 5.55 10.25 -3.27
CA ILE A 28 4.35 9.68 -2.67
C ILE A 28 4.66 8.28 -2.11
N THR A 29 5.53 7.55 -2.79
CA THR A 29 5.96 6.26 -2.29
C THR A 29 6.75 6.43 -0.98
N GLN A 30 7.71 7.34 -0.99
CA GLN A 30 8.56 7.54 0.18
C GLN A 30 7.72 8.02 1.36
N THR A 31 6.70 8.79 1.06
CA THR A 31 5.76 9.28 2.06
C THR A 31 4.90 8.15 2.60
N SER A 32 4.51 7.22 1.73
CA SER A 32 3.73 6.07 2.17
C SER A 32 4.52 5.21 3.19
N GLN A 33 5.80 5.03 2.89
CA GLN A 33 6.70 4.22 3.67
C GLN A 33 7.04 4.92 4.98
N ALA A 34 7.27 6.23 4.89
CA ALA A 34 7.54 7.04 6.07
C ALA A 34 6.34 6.99 7.00
N LEU A 35 5.15 7.01 6.43
CA LEU A 35 3.93 6.92 7.24
C LEU A 35 3.75 5.55 7.88
N GLN A 36 4.21 4.49 7.22
CA GLN A 36 4.12 3.13 7.79
C GLN A 36 5.08 3.01 8.95
N THR A 37 6.29 3.51 8.72
CA THR A 37 7.34 3.58 9.68
C THR A 37 6.86 4.27 10.97
N VAL A 38 6.13 5.39 10.83
CA VAL A 38 5.58 6.10 11.99
C VAL A 38 4.54 5.20 12.71
N ALA A 39 3.62 4.59 11.97
CA ALA A 39 2.63 3.66 12.53
C ALA A 39 3.29 2.59 13.42
N THR A 40 4.41 2.08 12.91
CA THR A 40 5.24 1.12 13.61
C THR A 40 5.82 1.72 14.89
N ALA A 41 6.36 2.94 14.78
CA ALA A 41 6.92 3.61 15.95
C ALA A 41 5.84 3.77 17.02
N LEU A 42 4.66 4.20 16.64
CA LEU A 42 3.58 4.35 17.61
C LEU A 42 3.23 3.01 18.24
N ASN A 43 3.38 1.95 17.45
CA ASN A 43 3.12 0.58 17.89
C ASN A 43 4.03 0.18 19.07
N LYS A 44 5.34 0.32 18.86
CA LYS A 44 6.34 0.01 19.86
C LYS A 44 6.21 0.90 21.10
N ILE A 45 5.96 2.18 20.88
CA ILE A 45 5.72 3.13 21.96
C ILE A 45 4.54 2.68 22.80
N GLN A 46 3.48 2.29 22.10
CA GLN A 46 2.28 1.83 22.78
C GLN A 46 2.62 0.67 23.71
N ASP A 47 3.46 -0.27 23.25
CA ASP A 47 3.80 -1.43 24.05
C ASP A 47 4.56 -1.11 25.34
N VAL A 48 5.73 -0.50 25.18
CA VAL A 48 6.61 -0.20 26.29
C VAL A 48 5.94 0.67 27.34
N VAL A 49 5.30 1.75 26.93
CA VAL A 49 4.70 2.70 27.88
C VAL A 49 3.59 2.01 28.67
N ASN A 50 2.84 1.13 28.03
CA ASN A 50 1.82 0.35 28.72
C ASN A 50 2.42 -0.74 29.65
N GLN A 51 3.62 -1.21 29.34
CA GLN A 51 4.31 -2.19 30.20
C GLN A 51 4.86 -1.51 31.43
N GLN A 52 5.38 -0.30 31.26
CA GLN A 52 5.82 0.52 32.36
C GLN A 52 4.65 1.00 33.20
N GLY A 53 3.48 1.10 32.57
CA GLY A 53 2.26 1.48 33.25
C GLY A 53 1.71 0.35 34.08
N ASN A 54 2.18 -0.86 33.78
CA ASN A 54 1.79 -2.07 34.49
C ASN A 54 2.74 -2.41 35.64
N SER A 55 3.96 -1.91 35.53
CA SER A 55 4.98 -2.13 36.55
C SER A 55 4.89 -1.04 37.60
N LEU A 56 4.36 0.11 37.20
CA LEU A 56 4.04 1.19 38.11
C LEU A 56 2.81 0.86 38.96
N ASN A 57 2.34 -0.38 38.87
CA ASN A 57 1.19 -0.82 39.66
C ASN A 57 1.55 -1.88 40.70
N THR A 100 -2.92 5.52 33.91
CA THR A 100 -3.41 5.86 32.58
C THR A 100 -2.97 4.83 31.54
N ILE A 101 -3.93 4.45 30.69
CA ILE A 101 -3.67 3.55 29.59
C ILE A 101 -3.29 4.30 28.33
N LEU A 102 -2.16 3.94 27.72
CA LEU A 102 -1.81 4.52 26.44
C LEU A 102 -2.46 3.67 25.32
N ASN A 103 -3.43 4.28 24.63
CA ASN A 103 -4.14 3.66 23.53
C ASN A 103 -3.92 4.43 22.23
N LEU A 104 -3.18 3.82 21.30
CA LEU A 104 -2.91 4.45 20.02
C LEU A 104 -3.41 3.60 18.87
N THR A 105 -4.19 2.57 19.18
CA THR A 105 -4.64 1.64 18.16
C THR A 105 -5.29 2.34 16.94
N SER A 106 -6.15 3.33 17.16
CA SER A 106 -6.80 3.96 16.03
C SER A 106 -5.84 4.86 15.28
N GLU A 107 -4.95 5.55 15.98
CA GLU A 107 -3.95 6.35 15.29
C GLU A 107 -3.10 5.46 14.43
N ILE A 108 -2.76 4.30 14.98
CA ILE A 108 -1.98 3.30 14.26
C ILE A 108 -2.70 2.82 12.98
N SER A 109 -3.99 2.57 13.10
CA SER A 109 -4.70 1.99 11.99
C SER A 109 -5.01 3.07 10.95
N THR A 110 -5.28 4.29 11.41
CA THR A 110 -5.47 5.43 10.50
C THR A 110 -4.22 5.61 9.63
N LEU A 111 -3.04 5.51 10.23
CA LEU A 111 -1.76 5.69 9.54
C LEU A 111 -1.45 4.58 8.54
N GLU A 112 -1.76 3.33 8.88
CA GLU A 112 -1.55 2.24 7.94
C GLU A 112 -2.58 2.24 6.83
N ASN A 113 -3.78 2.73 7.11
CA ASN A 113 -4.75 3.00 6.05
C ASN A 113 -4.28 4.10 5.11
N LYS A 114 -3.92 5.29 5.65
CA LYS A 114 -3.45 6.42 4.83
C LYS A 114 -2.33 5.97 3.93
N SER A 115 -1.44 5.19 4.53
CA SER A 115 -0.26 4.65 3.86
C SER A 115 -0.64 3.74 2.69
N ALA A 116 -1.72 2.99 2.86
CA ALA A 116 -2.25 2.12 1.82
C ALA A 116 -2.92 3.00 0.74
N GLU A 117 -3.64 4.02 1.22
CA GLU A 117 -4.30 4.97 0.34
C GLU A 117 -3.30 5.62 -0.58
N LEU A 118 -2.15 6.00 -0.03
CA LEU A 118 -1.12 6.59 -0.89
C LEU A 118 -0.66 5.60 -1.94
N ASN A 119 -0.61 4.32 -1.58
CA ASN A 119 -0.26 3.25 -2.53
C ASN A 119 -1.27 3.14 -3.69
N TYR A 120 -2.56 3.27 -3.40
CA TYR A 120 -3.58 3.30 -4.44
C TYR A 120 -3.28 4.43 -5.40
N THR A 121 -3.01 5.62 -4.86
CA THR A 121 -2.67 6.79 -5.64
C THR A 121 -1.47 6.49 -6.52
N VAL A 122 -0.47 5.83 -5.95
CA VAL A 122 0.75 5.52 -6.70
C VAL A 122 0.41 4.67 -7.93
N GLN A 123 -0.53 3.74 -7.75
CA GLN A 123 -0.97 2.86 -8.81
C GLN A 123 -1.79 3.59 -9.87
N LYS A 124 -2.79 4.36 -9.42
CA LYS A 124 -3.65 5.10 -10.32
C LYS A 124 -2.82 6.11 -11.12
N LEU A 125 -1.88 6.76 -10.45
CA LEU A 125 -0.98 7.69 -11.10
C LEU A 125 -0.16 7.02 -12.18
N GLN A 126 0.29 5.79 -11.92
CA GLN A 126 1.10 5.08 -12.90
C GLN A 126 0.34 4.76 -14.19
N THR A 127 -0.94 4.47 -14.04
CA THR A 127 -1.83 4.24 -15.16
C THR A 127 -1.93 5.51 -16.00
N LEU A 128 -2.15 6.63 -15.31
CA LEU A 128 -2.27 7.92 -15.95
C LEU A 128 -0.96 8.29 -16.61
N ILE A 129 0.15 8.03 -15.92
CA ILE A 129 1.46 8.32 -16.50
C ILE A 129 1.64 7.57 -17.82
N ASP A 130 1.21 6.30 -17.86
CA ASP A 130 1.37 5.50 -19.07
C ASP A 130 0.56 6.09 -20.23
N ASN A 131 -0.70 6.42 -19.95
CA ASN A 131 -1.57 7.14 -20.87
C ASN A 131 -0.92 8.42 -21.43
N ILE A 132 -0.31 9.23 -20.57
CA ILE A 132 0.37 10.44 -21.00
C ILE A 132 1.49 10.07 -21.97
N ASN A 133 2.19 8.99 -21.64
CA ASN A 133 3.34 8.55 -22.42
C ASN A 133 2.93 8.03 -23.81
N SER A 134 1.67 7.64 -23.97
CA SER A 134 1.22 7.11 -25.25
C SER A 134 0.96 8.19 -26.31
N THR A 135 0.94 9.46 -25.91
CA THR A 135 0.65 10.54 -26.84
C THR A 135 1.94 11.04 -27.47
N LYS B 4 -3.32 27.43 -34.33
CA LYS B 4 -2.82 28.56 -33.55
C LYS B 4 -3.75 28.71 -32.33
N ILE B 5 -4.97 28.17 -32.48
CA ILE B 5 -5.85 27.98 -31.34
C ILE B 5 -5.25 26.91 -30.42
N LEU B 6 -4.74 25.84 -31.01
CA LEU B 6 -4.11 24.76 -30.26
C LEU B 6 -2.87 25.23 -29.50
N ALA B 7 -2.03 26.03 -30.14
CA ALA B 7 -0.80 26.49 -29.51
C ALA B 7 -1.09 27.43 -28.35
N ALA B 8 -2.16 28.21 -28.47
CA ALA B 8 -2.57 29.08 -27.37
C ALA B 8 -3.04 28.23 -26.19
N SER B 9 -3.74 27.14 -26.51
CA SER B 9 -4.23 26.21 -25.51
C SER B 9 -3.05 25.48 -24.85
N PHE B 10 -2.09 25.11 -25.69
CA PHE B 10 -0.88 24.46 -25.26
C PHE B 10 -0.15 25.31 -24.24
N ASN B 11 0.00 26.60 -24.54
CA ASN B 11 0.73 27.51 -23.67
C ASN B 11 0.04 27.71 -22.34
N LYS B 12 -1.29 27.84 -22.41
CA LYS B 12 -2.09 27.97 -21.20
C LYS B 12 -1.93 26.75 -20.30
N ALA B 13 -2.04 25.56 -20.88
CA ALA B 13 -1.86 24.30 -20.19
C ALA B 13 -0.48 24.17 -19.56
N MET B 14 0.56 24.36 -20.38
CA MET B 14 1.93 24.22 -19.91
C MET B 14 2.20 25.18 -18.78
N THR B 15 1.64 26.37 -18.89
CA THR B 15 1.81 27.38 -17.85
C THR B 15 1.22 26.90 -16.54
N ASN B 16 -0.01 26.38 -16.60
CA ASN B 16 -0.66 25.91 -15.38
C ASN B 16 -0.04 24.58 -14.86
N ILE B 17 0.45 23.75 -15.78
CA ILE B 17 1.12 22.51 -15.43
C ILE B 17 2.40 22.81 -14.66
N VAL B 18 3.10 23.87 -15.08
CA VAL B 18 4.28 24.36 -14.38
C VAL B 18 3.91 24.90 -13.00
N ASP B 19 2.82 25.66 -12.92
CA ASP B 19 2.34 26.14 -11.63
C ASP B 19 1.92 24.98 -10.70
N ALA B 20 1.24 23.98 -11.28
CA ALA B 20 0.74 22.85 -10.50
C ALA B 20 1.88 22.03 -9.91
N PHE B 21 2.90 21.75 -10.72
CA PHE B 21 4.06 21.04 -10.25
C PHE B 21 4.81 21.80 -9.17
N THR B 22 4.77 23.13 -9.23
CA THR B 22 5.37 23.98 -8.21
C THR B 22 4.61 23.89 -6.89
N GLY B 23 3.28 23.83 -6.98
CA GLY B 23 2.44 23.63 -5.81
C GLY B 23 2.70 22.27 -5.17
N VAL B 24 2.83 21.25 -6.02
CA VAL B 24 3.16 19.92 -5.53
C VAL B 24 4.53 19.88 -4.86
N ASN B 25 5.48 20.60 -5.45
CA ASN B 25 6.83 20.69 -4.91
C ASN B 25 6.86 21.34 -3.54
N ASP B 26 5.94 22.27 -3.32
CA ASP B 26 5.81 22.87 -1.99
C ASP B 26 5.30 21.82 -1.03
N ALA B 27 4.30 21.08 -1.47
CA ALA B 27 3.72 20.04 -0.64
C ALA B 27 4.78 19.02 -0.23
N ILE B 28 5.60 18.59 -1.20
CA ILE B 28 6.63 17.61 -0.95
C ILE B 28 7.66 18.16 0.04
N THR B 29 7.98 19.43 -0.11
CA THR B 29 8.89 20.12 0.79
C THR B 29 8.31 20.19 2.19
N GLN B 30 7.04 20.56 2.29
CA GLN B 30 6.39 20.62 3.60
C GLN B 30 6.34 19.25 4.28
N THR B 31 6.12 18.21 3.48
CA THR B 31 6.05 16.82 3.96
C THR B 31 7.43 16.38 4.43
N SER B 32 8.46 16.78 3.68
CA SER B 32 9.83 16.49 4.03
C SER B 32 10.17 17.05 5.41
N GLN B 33 9.76 18.28 5.64
CA GLN B 33 10.06 18.92 6.91
C GLN B 33 9.26 18.31 8.05
N ALA B 34 7.99 17.98 7.80
CA ALA B 34 7.17 17.36 8.84
C ALA B 34 7.76 16.03 9.31
N LEU B 35 8.33 15.28 8.38
CA LEU B 35 8.92 13.99 8.70
C LEU B 35 10.15 14.13 9.61
N GLN B 36 10.91 15.21 9.44
CA GLN B 36 12.08 15.47 10.30
C GLN B 36 11.61 15.78 11.70
N THR B 37 10.54 16.57 11.78
CA THR B 37 9.86 16.86 13.04
C THR B 37 9.34 15.62 13.73
N VAL B 38 8.78 14.70 12.96
CA VAL B 38 8.28 13.45 13.53
C VAL B 38 9.45 12.67 14.15
N ALA B 39 10.52 12.56 13.36
CA ALA B 39 11.76 11.90 13.78
C ALA B 39 12.33 12.51 15.06
N THR B 40 12.31 13.83 15.16
CA THR B 40 12.77 14.49 16.37
C THR B 40 11.93 14.11 17.57
N ALA B 41 10.60 14.17 17.42
CA ALA B 41 9.69 13.81 18.51
C ALA B 41 9.87 12.38 18.97
N LEU B 42 10.03 11.47 18.01
CA LEU B 42 10.23 10.06 18.34
C LEU B 42 11.51 9.86 19.12
N ASN B 43 12.51 10.70 18.82
CA ASN B 43 13.78 10.66 19.51
C ASN B 43 13.60 11.06 20.99
N LYS B 44 12.90 12.17 21.21
CA LYS B 44 12.62 12.63 22.56
C LYS B 44 11.81 11.62 23.35
N ILE B 45 10.80 11.03 22.71
CA ILE B 45 9.98 10.00 23.35
C ILE B 45 10.84 8.83 23.78
N GLN B 46 11.78 8.44 22.92
CA GLN B 46 12.68 7.33 23.21
C GLN B 46 13.52 7.58 24.47
N ASP B 47 14.09 8.77 24.57
CA ASP B 47 15.00 9.14 25.66
C ASP B 47 14.27 9.08 26.98
N VAL B 48 13.19 9.87 27.06
CA VAL B 48 12.38 9.91 28.27
C VAL B 48 11.78 8.54 28.63
N VAL B 49 11.23 7.83 27.65
CA VAL B 49 10.65 6.52 27.97
C VAL B 49 11.71 5.55 28.48
N ASN B 50 12.89 5.61 27.87
CA ASN B 50 13.99 4.76 28.31
C ASN B 50 14.54 5.19 29.66
N GLN B 51 14.41 6.47 29.97
CA GLN B 51 14.87 7.01 31.25
C GLN B 51 13.96 6.60 32.42
N GLN B 52 12.65 6.56 32.18
CA GLN B 52 11.70 6.07 33.18
C GLN B 52 11.86 4.56 33.32
N GLY B 53 12.43 3.94 32.29
CA GLY B 53 12.66 2.51 32.30
C GLY B 53 13.76 2.02 33.21
N ASN B 54 14.63 2.94 33.62
CA ASN B 54 15.71 2.55 34.53
C ASN B 54 15.41 2.77 36.02
N SER B 55 14.44 3.63 36.30
CA SER B 55 14.01 3.85 37.67
C SER B 55 12.87 2.90 38.02
N ILE B 101 12.11 -2.30 26.96
CA ILE B 101 13.02 -1.28 26.43
C ILE B 101 12.58 -0.78 25.03
N LEU B 102 12.43 0.55 24.88
CA LEU B 102 11.95 1.19 23.63
C LEU B 102 13.06 1.51 22.62
N ASN B 103 13.04 0.82 21.48
CA ASN B 103 14.03 1.07 20.44
C ASN B 103 13.38 1.63 19.16
N LEU B 104 13.65 2.91 18.86
CA LEU B 104 13.09 3.59 17.68
C LEU B 104 14.19 4.17 16.78
N THR B 105 15.43 3.83 17.08
CA THR B 105 16.61 4.33 16.37
C THR B 105 16.52 4.17 14.87
N SER B 106 16.03 3.02 14.41
CA SER B 106 15.96 2.77 12.98
C SER B 106 14.81 3.50 12.28
N GLU B 107 13.66 3.57 12.93
CA GLU B 107 12.53 4.33 12.39
C GLU B 107 12.92 5.80 12.24
N ILE B 108 13.60 6.31 13.26
CA ILE B 108 14.08 7.68 13.26
C ILE B 108 15.02 7.89 12.08
N SER B 109 15.88 6.92 11.87
CA SER B 109 16.88 7.02 10.82
C SER B 109 16.21 6.80 9.45
N THR B 110 15.19 5.94 9.40
CA THR B 110 14.32 5.80 8.21
C THR B 110 13.60 7.11 7.83
N LEU B 111 12.98 7.76 8.82
CA LEU B 111 12.23 8.98 8.59
C LEU B 111 13.17 10.10 8.13
N GLU B 112 14.38 10.18 8.69
CA GLU B 112 15.34 11.19 8.23
C GLU B 112 15.84 10.84 6.85
N ASN B 113 15.89 9.56 6.50
CA ASN B 113 16.23 9.17 5.13
C ASN B 113 15.17 9.60 4.10
N LYS B 114 13.92 9.25 4.38
CA LYS B 114 12.80 9.65 3.54
C LYS B 114 12.78 11.18 3.38
N SER B 115 12.98 11.88 4.50
CA SER B 115 12.99 13.33 4.50
C SER B 115 14.05 13.92 3.58
N ALA B 116 15.25 13.34 3.59
CA ALA B 116 16.34 13.80 2.71
C ALA B 116 16.02 13.47 1.26
N GLU B 117 15.50 12.25 1.06
CA GLU B 117 15.14 11.77 -0.25
C GLU B 117 14.07 12.65 -0.88
N LEU B 118 13.09 13.08 -0.10
CA LEU B 118 12.02 13.94 -0.58
C LEU B 118 12.54 15.27 -1.11
N ASN B 119 13.57 15.81 -0.47
CA ASN B 119 14.22 17.04 -0.93
C ASN B 119 14.96 16.86 -2.26
N TYR B 120 15.64 15.73 -2.43
CA TYR B 120 16.26 15.38 -3.70
C TYR B 120 15.23 15.32 -4.83
N THR B 121 14.06 14.77 -4.55
CA THR B 121 12.99 14.74 -5.55
C THR B 121 12.56 16.16 -5.95
N VAL B 122 12.36 17.02 -4.96
CA VAL B 122 11.93 18.39 -5.26
C VAL B 122 12.90 19.11 -6.16
N GLN B 123 14.19 19.03 -5.82
CA GLN B 123 15.23 19.74 -6.57
C GLN B 123 15.34 19.14 -7.96
N LYS B 124 15.25 17.82 -8.09
CA LYS B 124 15.21 17.24 -9.43
C LYS B 124 13.98 17.73 -10.24
N LEU B 125 12.82 17.79 -9.58
CA LEU B 125 11.57 18.18 -10.22
C LEU B 125 11.65 19.59 -10.77
N GLN B 126 12.35 20.49 -10.06
CA GLN B 126 12.47 21.88 -10.52
C GLN B 126 13.19 21.92 -11.85
N THR B 127 14.15 21.03 -12.05
CA THR B 127 14.81 20.90 -13.36
C THR B 127 13.82 20.47 -14.43
N LEU B 128 12.98 19.50 -14.12
CA LEU B 128 11.95 19.08 -15.06
C LEU B 128 10.91 20.18 -15.30
N ILE B 129 10.55 20.90 -14.24
CA ILE B 129 9.58 21.99 -14.32
C ILE B 129 10.05 23.04 -15.31
N ASP B 130 11.33 23.36 -15.26
CA ASP B 130 11.89 24.35 -16.17
C ASP B 130 11.86 23.86 -17.62
N ASN B 131 12.23 22.60 -17.83
CA ASN B 131 12.08 21.97 -19.15
C ASN B 131 10.69 22.13 -19.73
N ILE B 132 9.67 21.87 -18.91
CA ILE B 132 8.28 22.06 -19.31
C ILE B 132 8.04 23.53 -19.69
N ASN B 133 8.60 24.43 -18.89
CA ASN B 133 8.41 25.85 -19.11
C ASN B 133 9.09 26.37 -20.37
N SER B 134 10.12 25.67 -20.82
CA SER B 134 10.86 26.12 -21.99
C SER B 134 10.14 25.77 -23.28
N THR B 135 9.07 24.97 -23.18
CA THR B 135 8.41 24.47 -24.38
C THR B 135 7.36 25.44 -24.89
N LEU B 136 7.16 26.53 -24.16
CA LEU B 136 6.14 27.50 -24.49
C LEU B 136 6.45 28.11 -25.87
N VAL B 137 5.49 28.02 -26.79
CA VAL B 137 5.66 28.46 -28.17
C VAL B 137 5.22 29.91 -28.36
N GLN C 3 -2.83 15.74 -39.63
CA GLN C 3 -1.94 16.36 -38.67
C GLN C 3 -2.81 16.83 -37.52
N LYS C 4 -4.00 16.27 -37.40
CA LYS C 4 -4.79 16.63 -36.22
C LYS C 4 -4.78 15.43 -35.26
N ILE C 5 -3.77 14.59 -35.46
CA ILE C 5 -3.37 13.58 -34.50
C ILE C 5 -2.81 14.36 -33.30
N LEU C 6 -2.12 15.46 -33.61
CA LEU C 6 -1.56 16.34 -32.57
C LEU C 6 -2.66 16.93 -31.64
N ALA C 7 -3.79 17.31 -32.22
CA ALA C 7 -4.91 17.83 -31.42
C ALA C 7 -5.54 16.72 -30.56
N ALA C 8 -5.62 15.52 -31.11
CA ALA C 8 -6.15 14.35 -30.41
C ALA C 8 -5.23 13.92 -29.27
N SER C 9 -3.93 13.97 -29.51
CA SER C 9 -2.93 13.64 -28.50
C SER C 9 -2.93 14.66 -27.37
N PHE C 10 -3.05 15.94 -27.74
CA PHE C 10 -3.08 17.00 -26.76
C PHE C 10 -4.26 16.80 -25.81
N ASN C 11 -5.42 16.43 -26.34
CA ASN C 11 -6.60 16.27 -25.49
C ASN C 11 -6.51 15.11 -24.51
N LYS C 12 -6.06 13.95 -24.99
CA LYS C 12 -5.93 12.80 -24.11
C LYS C 12 -4.91 13.08 -23.02
N ALA C 13 -3.78 13.65 -23.43
CA ALA C 13 -2.72 14.06 -22.50
C ALA C 13 -3.27 14.99 -21.42
N MET C 14 -4.00 16.02 -21.81
CA MET C 14 -4.55 16.98 -20.84
C MET C 14 -5.50 16.28 -19.87
N THR C 15 -6.28 15.36 -20.40
CA THR C 15 -7.23 14.56 -19.63
C THR C 15 -6.56 13.77 -18.52
N ASN C 16 -5.48 13.08 -18.86
CA ASN C 16 -4.76 12.26 -17.91
C ASN C 16 -3.92 13.12 -16.97
N ILE C 17 -3.42 14.27 -17.46
CA ILE C 17 -2.70 15.21 -16.60
C ILE C 17 -3.62 15.79 -15.53
N VAL C 18 -4.84 16.08 -15.94
CA VAL C 18 -5.87 16.54 -15.02
C VAL C 18 -6.21 15.46 -14.01
N ASP C 19 -6.35 14.23 -14.48
CA ASP C 19 -6.59 13.11 -13.60
C ASP C 19 -5.41 12.85 -12.68
N ALA C 20 -4.21 12.94 -13.22
CA ALA C 20 -2.99 12.71 -12.47
C ALA C 20 -2.79 13.75 -11.36
N PHE C 21 -2.98 15.03 -11.66
CA PHE C 21 -2.88 16.08 -10.62
C PHE C 21 -3.96 15.93 -9.56
N THR C 22 -5.10 15.38 -9.96
CA THR C 22 -6.21 15.14 -9.05
C THR C 22 -5.90 14.03 -8.01
N GLY C 23 -5.24 12.97 -8.49
CA GLY C 23 -4.78 11.90 -7.63
C GLY C 23 -3.70 12.38 -6.69
N VAL C 24 -2.78 13.20 -7.22
CA VAL C 24 -1.70 13.75 -6.42
C VAL C 24 -2.30 14.61 -5.30
N ASN C 25 -3.36 15.36 -5.61
CA ASN C 25 -4.08 16.13 -4.61
C ASN C 25 -4.75 15.27 -3.53
N ASP C 26 -5.20 14.07 -3.92
CA ASP C 26 -5.73 13.13 -2.95
C ASP C 26 -4.63 12.66 -2.02
N ALA C 27 -3.48 12.38 -2.60
CA ALA C 27 -2.29 12.00 -1.86
C ALA C 27 -1.84 13.07 -0.87
N ILE C 28 -1.88 14.33 -1.29
CA ILE C 28 -1.49 15.41 -0.39
C ILE C 28 -2.49 15.59 0.75
N THR C 29 -3.76 15.39 0.40
CA THR C 29 -4.83 15.49 1.39
C THR C 29 -4.66 14.41 2.46
N GLN C 30 -4.38 13.18 2.00
CA GLN C 30 -4.16 12.07 2.91
C GLN C 30 -2.97 12.29 3.85
N THR C 31 -1.91 12.92 3.33
CA THR C 31 -0.72 13.23 4.11
C THR C 31 -1.01 14.28 5.15
N SER C 32 -1.78 15.31 4.77
CA SER C 32 -2.14 16.37 5.71
C SER C 32 -2.87 15.83 6.91
N GLN C 33 -3.83 14.95 6.66
CA GLN C 33 -4.65 14.38 7.71
C GLN C 33 -3.84 13.40 8.54
N ALA C 34 -2.94 12.68 7.87
CA ALA C 34 -2.04 11.78 8.56
C ALA C 34 -1.18 12.58 9.54
N LEU C 35 -0.78 13.79 9.13
CA LEU C 35 0.03 14.61 10.01
C LEU C 35 -0.78 15.06 11.23
N GLN C 36 -2.08 15.26 11.05
CA GLN C 36 -2.94 15.59 12.19
C GLN C 36 -3.08 14.39 13.09
N THR C 37 -3.19 13.19 12.49
CA THR C 37 -3.24 11.96 13.26
C THR C 37 -1.99 11.82 14.14
N VAL C 38 -0.82 12.06 13.56
CA VAL C 38 0.43 11.99 14.31
C VAL C 38 0.51 13.03 15.43
N ALA C 39 0.15 14.27 15.10
CA ALA C 39 0.12 15.36 16.08
C ALA C 39 -0.76 14.95 17.27
N THR C 40 -1.91 14.35 16.98
CA THR C 40 -2.78 13.81 18.02
C THR C 40 -2.07 12.72 18.81
N ALA C 41 -1.41 11.81 18.09
CA ALA C 41 -0.65 10.73 18.72
C ALA C 41 0.43 11.25 19.66
N LEU C 42 1.13 12.30 19.22
CA LEU C 42 2.19 12.89 20.02
C LEU C 42 1.66 13.49 21.32
N ASN C 43 0.48 14.09 21.22
CA ASN C 43 -0.16 14.70 22.39
C ASN C 43 -0.49 13.64 23.42
N LYS C 44 -1.11 12.56 22.97
CA LYS C 44 -1.46 11.47 23.88
C LYS C 44 -0.23 10.88 24.55
N ILE C 45 0.82 10.63 23.76
CA ILE C 45 2.09 10.10 24.27
C ILE C 45 2.71 11.02 25.29
N GLN C 46 2.68 12.31 24.97
CA GLN C 46 3.23 13.34 25.83
C GLN C 46 2.57 13.28 27.18
N ASP C 47 1.23 13.28 27.14
CA ASP C 47 0.42 13.30 28.33
C ASP C 47 0.65 12.04 29.15
N VAL C 48 0.46 10.87 28.56
CA VAL C 48 0.60 9.62 29.30
C VAL C 48 1.99 9.47 29.94
N VAL C 49 3.06 9.71 29.18
CA VAL C 49 4.42 9.58 29.69
C VAL C 49 4.72 10.54 30.84
N ASN C 50 4.22 11.77 30.77
CA ASN C 50 4.49 12.71 31.85
C ASN C 50 3.78 12.30 33.15
N GLN C 51 2.65 11.61 33.04
CA GLN C 51 1.92 11.14 34.21
C GLN C 51 2.62 9.93 34.87
N GLN C 52 3.23 9.06 34.09
CA GLN C 52 3.98 7.95 34.66
C GLN C 52 5.25 8.43 35.34
N GLY C 53 5.73 9.61 34.96
CA GLY C 53 6.90 10.18 35.58
C GLY C 53 6.63 10.66 37.01
N THR C 100 12.73 13.74 33.71
CA THR C 100 12.61 14.53 32.49
C THR C 100 11.16 14.63 32.05
N ILE C 101 10.73 15.83 31.76
CA ILE C 101 9.37 16.06 31.27
C ILE C 101 9.37 15.96 29.75
N LEU C 102 8.44 15.18 29.21
CA LEU C 102 8.36 15.00 27.78
C LEU C 102 7.59 16.19 27.24
N ASN C 103 8.29 17.00 26.45
CA ASN C 103 7.71 18.18 25.82
C ASN C 103 7.72 18.07 24.29
N LEU C 104 6.54 17.95 23.72
CA LEU C 104 6.42 17.75 22.28
C LEU C 104 5.65 18.92 21.67
N THR C 105 5.51 19.96 22.47
CA THR C 105 4.72 21.15 22.13
C THR C 105 5.07 21.74 20.78
N SER C 106 6.36 21.84 20.51
CA SER C 106 6.84 22.46 19.27
C SER C 106 6.66 21.54 18.06
N GLU C 107 6.91 20.25 18.25
CA GLU C 107 6.71 19.26 17.20
C GLU C 107 5.24 19.17 16.86
N ILE C 108 4.40 19.15 17.89
CA ILE C 108 2.97 19.10 17.66
C ILE C 108 2.51 20.33 16.87
N SER C 109 3.00 21.51 17.24
CA SER C 109 2.57 22.74 16.60
C SER C 109 3.18 22.91 15.21
N THR C 110 4.42 22.46 15.04
CA THR C 110 5.01 22.41 13.69
C THR C 110 4.15 21.55 12.77
N LEU C 111 3.76 20.37 13.25
CA LEU C 111 2.99 19.43 12.45
C LEU C 111 1.63 19.95 11.99
N GLU C 112 0.91 20.66 12.86
CA GLU C 112 -0.37 21.24 12.46
C GLU C 112 -0.18 22.44 11.50
N ASN C 113 0.96 23.14 11.61
CA ASN C 113 1.30 24.16 10.63
C ASN C 113 1.54 23.56 9.26
N LYS C 114 2.35 22.51 9.23
CA LYS C 114 2.61 21.79 8.00
C LYS C 114 1.31 21.27 7.37
N SER C 115 0.41 20.78 8.22
CA SER C 115 -0.88 20.29 7.78
C SER C 115 -1.72 21.40 7.17
N ALA C 116 -1.64 22.59 7.76
CA ALA C 116 -2.36 23.75 7.27
C ALA C 116 -1.80 24.17 5.93
N GLU C 117 -0.48 24.21 5.82
CA GLU C 117 0.15 24.55 4.55
C GLU C 117 -0.22 23.59 3.41
N LEU C 118 -0.25 22.31 3.72
CA LEU C 118 -0.60 21.29 2.74
C LEU C 118 -2.03 21.46 2.24
N ASN C 119 -2.94 21.83 3.15
CA ASN C 119 -4.33 22.08 2.75
C ASN C 119 -4.45 23.29 1.85
N TYR C 120 -3.74 24.35 2.20
CA TYR C 120 -3.68 25.53 1.38
C TYR C 120 -3.16 25.14 -0.01
N THR C 121 -2.15 24.28 -0.04
CA THR C 121 -1.62 23.81 -1.33
C THR C 121 -2.68 23.10 -2.16
N VAL C 122 -3.43 22.20 -1.52
CA VAL C 122 -4.47 21.44 -2.22
C VAL C 122 -5.55 22.35 -2.83
N GLN C 123 -5.93 23.40 -2.10
CA GLN C 123 -6.93 24.34 -2.58
C GLN C 123 -6.41 25.10 -3.80
N LYS C 124 -5.18 25.59 -3.71
CA LYS C 124 -4.53 26.27 -4.83
C LYS C 124 -4.38 25.39 -6.07
N LEU C 125 -4.00 24.13 -5.88
CA LEU C 125 -3.86 23.18 -6.98
C LEU C 125 -5.13 22.90 -7.74
N GLN C 126 -6.23 22.83 -6.99
CA GLN C 126 -7.52 22.48 -7.53
C GLN C 126 -7.97 23.48 -8.61
N THR C 127 -7.65 24.75 -8.40
CA THR C 127 -7.90 25.79 -9.38
C THR C 127 -7.10 25.53 -10.66
N LEU C 128 -5.82 25.25 -10.52
CA LEU C 128 -4.92 25.02 -11.65
C LEU C 128 -5.33 23.80 -12.46
N ILE C 129 -5.76 22.73 -11.79
CA ILE C 129 -6.19 21.52 -12.50
C ILE C 129 -7.35 21.86 -13.44
N ASP C 130 -8.26 22.72 -12.96
CA ASP C 130 -9.39 23.15 -13.76
C ASP C 130 -8.96 23.99 -14.97
N ASN C 131 -8.07 24.95 -14.74
CA ASN C 131 -7.46 25.72 -15.82
C ASN C 131 -6.94 24.75 -16.88
N ILE C 132 -6.22 23.73 -16.44
CA ILE C 132 -5.69 22.72 -17.36
C ILE C 132 -6.81 22.03 -18.13
N ASN C 133 -7.89 21.69 -17.42
CA ASN C 133 -9.00 20.97 -18.04
C ASN C 133 -9.79 21.83 -19.03
N SER C 134 -9.72 23.14 -18.92
CA SER C 134 -10.45 24.00 -19.85
C SER C 134 -9.74 24.12 -21.20
N THR C 135 -8.52 23.60 -21.30
CA THR C 135 -7.69 23.79 -22.49
C THR C 135 -7.95 22.76 -23.57
N LEU C 136 -8.82 21.80 -23.29
CA LEU C 136 -9.11 20.78 -24.28
C LEU C 136 -9.76 21.45 -25.49
N VAL C 137 -9.19 21.19 -26.66
CA VAL C 137 -9.65 21.77 -27.91
C VAL C 137 -10.65 20.86 -28.60
N LEU D 6 -30.01 -13.39 -24.06
CA LEU D 6 -28.56 -13.36 -23.95
C LEU D 6 -28.12 -12.09 -23.26
N ALA D 7 -28.75 -10.99 -23.63
CA ALA D 7 -28.42 -9.67 -23.11
C ALA D 7 -28.75 -9.58 -21.62
N ALA D 8 -29.85 -10.24 -21.22
CA ALA D 8 -30.25 -10.32 -19.82
C ALA D 8 -29.29 -11.23 -19.04
N SER D 9 -28.86 -12.32 -19.66
CA SER D 9 -27.88 -13.22 -19.02
C SER D 9 -26.55 -12.52 -18.86
N PHE D 10 -26.18 -11.75 -19.88
CA PHE D 10 -24.92 -11.01 -19.86
C PHE D 10 -24.87 -10.03 -18.70
N ASN D 11 -25.96 -9.28 -18.49
CA ASN D 11 -26.02 -8.30 -17.41
C ASN D 11 -25.94 -8.95 -16.03
N LYS D 12 -26.65 -10.06 -15.89
CA LYS D 12 -26.64 -10.80 -14.65
C LYS D 12 -25.24 -11.30 -14.32
N ALA D 13 -24.58 -11.90 -15.31
CA ALA D 13 -23.19 -12.38 -15.15
C ALA D 13 -22.26 -11.24 -14.78
N MET D 14 -22.34 -10.15 -15.53
CA MET D 14 -21.49 -8.99 -15.32
C MET D 14 -21.64 -8.39 -13.93
N THR D 15 -22.88 -8.37 -13.43
CA THR D 15 -23.18 -7.89 -12.08
C THR D 15 -22.49 -8.74 -11.01
N ASN D 16 -22.63 -10.05 -11.14
CA ASN D 16 -22.00 -11.02 -10.24
C ASN D 16 -20.50 -11.10 -10.45
N ILE D 17 -20.04 -10.88 -11.68
CA ILE D 17 -18.60 -10.84 -11.93
C ILE D 17 -18.00 -9.60 -11.27
N VAL D 18 -18.73 -8.48 -11.32
CA VAL D 18 -18.28 -7.25 -10.67
C VAL D 18 -18.23 -7.41 -9.15
N ASP D 19 -19.27 -8.01 -8.59
CA ASP D 19 -19.33 -8.30 -7.17
C ASP D 19 -18.23 -9.28 -6.75
N ALA D 20 -17.97 -10.28 -7.58
CA ALA D 20 -16.96 -11.29 -7.23
C ALA D 20 -15.54 -10.72 -7.19
N PHE D 21 -15.19 -9.89 -8.17
CA PHE D 21 -13.89 -9.24 -8.17
C PHE D 21 -13.77 -8.25 -7.01
N THR D 22 -14.91 -7.69 -6.59
CA THR D 22 -14.93 -6.80 -5.43
C THR D 22 -14.65 -7.61 -4.17
N GLY D 23 -15.21 -8.81 -4.07
CA GLY D 23 -14.92 -9.71 -2.97
C GLY D 23 -13.47 -10.13 -2.94
N VAL D 24 -12.91 -10.49 -4.09
CA VAL D 24 -11.50 -10.87 -4.19
C VAL D 24 -10.59 -9.71 -3.78
N ASN D 25 -10.97 -8.50 -4.20
CA ASN D 25 -10.22 -7.30 -3.85
C ASN D 25 -10.17 -7.05 -2.35
N ASP D 26 -11.22 -7.42 -1.63
CA ASP D 26 -11.20 -7.35 -0.18
C ASP D 26 -10.18 -8.33 0.41
N ALA D 27 -10.20 -9.56 -0.10
CA ALA D 27 -9.27 -10.60 0.29
C ALA D 27 -7.83 -10.15 0.03
N ILE D 28 -7.62 -9.47 -1.08
CA ILE D 28 -6.28 -8.97 -1.35
C ILE D 28 -5.97 -7.86 -0.34
N THR D 29 -6.98 -7.08 0.01
CA THR D 29 -6.77 -6.05 1.02
C THR D 29 -6.44 -6.69 2.37
N GLN D 30 -7.21 -7.71 2.74
CA GLN D 30 -6.99 -8.40 4.01
C GLN D 30 -5.59 -9.04 4.04
N THR D 31 -5.15 -9.56 2.91
CA THR D 31 -3.84 -10.16 2.77
C THR D 31 -2.72 -9.14 2.89
N SER D 32 -2.92 -7.96 2.32
CA SER D 32 -1.95 -6.86 2.40
C SER D 32 -1.66 -6.40 3.83
N GLN D 33 -2.74 -6.32 4.61
CA GLN D 33 -2.71 -5.87 5.98
C GLN D 33 -2.07 -6.92 6.88
N ALA D 34 -2.45 -8.17 6.64
CA ALA D 34 -1.89 -9.31 7.36
C ALA D 34 -0.40 -9.40 7.09
N LEU D 35 0.02 -9.14 5.86
CA LEU D 35 1.45 -9.15 5.54
C LEU D 35 2.19 -8.02 6.22
N GLN D 36 1.51 -6.88 6.44
CA GLN D 36 2.11 -5.74 7.15
C GLN D 36 2.25 -6.05 8.64
N THR D 37 1.18 -6.64 9.19
CA THR D 37 1.13 -7.11 10.55
C THR D 37 2.28 -8.08 10.85
N VAL D 38 2.53 -9.02 9.94
CA VAL D 38 3.66 -9.94 10.10
C VAL D 38 5.01 -9.18 10.06
N ALA D 39 5.17 -8.27 9.10
CA ALA D 39 6.39 -7.45 9.02
C ALA D 39 6.68 -6.76 10.36
N THR D 40 5.62 -6.22 10.95
CA THR D 40 5.70 -5.55 12.25
C THR D 40 6.13 -6.52 13.35
N ALA D 41 5.52 -7.71 13.41
CA ALA D 41 5.90 -8.70 14.39
C ALA D 41 7.37 -9.06 14.25
N LEU D 42 7.86 -9.21 13.02
CA LEU D 42 9.28 -9.53 12.84
C LEU D 42 10.11 -8.38 13.35
N ASN D 43 9.58 -7.17 13.19
CA ASN D 43 10.24 -5.98 13.68
C ASN D 43 10.48 -6.04 15.20
N LYS D 44 9.41 -6.25 15.96
CA LYS D 44 9.45 -6.31 17.42
C LYS D 44 10.28 -7.48 17.93
N ILE D 45 10.12 -8.64 17.28
CA ILE D 45 10.91 -9.81 17.56
C ILE D 45 12.37 -9.50 17.39
N GLN D 46 12.67 -8.79 16.30
CA GLN D 46 14.04 -8.40 16.02
C GLN D 46 14.59 -7.58 17.18
N ASP D 47 13.80 -6.63 17.70
CA ASP D 47 14.29 -5.75 18.78
C ASP D 47 14.63 -6.49 20.07
N VAL D 48 13.61 -7.17 20.61
CA VAL D 48 13.72 -7.89 21.86
C VAL D 48 14.81 -8.96 21.87
N VAL D 49 14.83 -9.82 20.85
CA VAL D 49 15.78 -10.92 20.80
C VAL D 49 17.22 -10.40 20.75
N ASN D 50 17.41 -9.30 20.04
CA ASN D 50 18.72 -8.65 19.98
C ASN D 50 19.06 -7.91 21.26
N GLN D 51 18.04 -7.48 21.98
CA GLN D 51 18.29 -6.78 23.24
C GLN D 51 18.68 -7.81 24.31
N GLN D 52 18.04 -8.98 24.28
CA GLN D 52 18.42 -10.09 25.15
C GLN D 52 19.76 -10.67 24.72
N GLY D 53 20.09 -10.52 23.45
CA GLY D 53 21.36 -10.99 22.92
C GLY D 53 22.48 -10.10 23.36
N ASN D 54 22.12 -8.89 23.78
CA ASN D 54 23.11 -7.92 24.24
C ASN D 54 23.29 -7.96 25.77
N SER D 55 22.32 -8.57 26.44
CA SER D 55 22.41 -8.75 27.89
C SER D 55 23.08 -10.09 28.16
N LEU D 56 22.94 -11.00 27.21
CA LEU D 56 23.69 -12.25 27.21
C LEU D 56 25.17 -12.01 26.85
N ASN D 57 25.59 -10.75 26.81
CA ASN D 57 26.98 -10.44 26.49
C ASN D 57 27.81 -9.85 27.63
N HIS D 58 27.26 -8.90 28.39
CA HIS D 58 28.03 -8.42 29.54
C HIS D 58 27.91 -9.41 30.70
N LEU D 59 28.07 -10.69 30.36
CA LEU D 59 27.99 -11.81 31.28
C LEU D 59 29.13 -12.79 31.05
N ILE D 101 23.31 -13.26 16.61
CA ILE D 101 22.71 -11.95 16.35
C ILE D 101 21.58 -12.06 15.29
N LEU D 102 20.39 -11.59 15.65
CA LEU D 102 19.23 -11.70 14.76
C LEU D 102 19.04 -10.50 13.83
N ASN D 103 19.18 -10.75 12.54
CA ASN D 103 18.98 -9.74 11.52
C ASN D 103 17.79 -10.08 10.64
N LEU D 104 16.71 -9.34 10.77
CA LEU D 104 15.53 -9.59 9.96
C LEU D 104 15.14 -8.40 9.12
N THR D 105 16.02 -7.40 9.07
CA THR D 105 15.73 -6.14 8.40
C THR D 105 15.20 -6.37 6.99
N SER D 106 15.84 -7.28 6.28
CA SER D 106 15.46 -7.54 4.90
C SER D 106 14.17 -8.33 4.71
N GLU D 107 13.92 -9.30 5.58
CA GLU D 107 12.65 -10.02 5.49
C GLU D 107 11.54 -9.02 5.72
N ILE D 108 11.80 -8.12 6.65
CA ILE D 108 10.89 -7.04 6.99
C ILE D 108 10.59 -6.12 5.80
N SER D 109 11.60 -5.76 5.02
CA SER D 109 11.38 -4.82 3.95
C SER D 109 10.67 -5.53 2.80
N THR D 110 11.01 -6.79 2.55
CA THR D 110 10.30 -7.59 1.56
C THR D 110 8.79 -7.64 1.85
N LEU D 111 8.43 -7.86 3.11
CA LEU D 111 7.03 -7.99 3.51
C LEU D 111 6.22 -6.70 3.36
N GLU D 112 6.82 -5.57 3.70
CA GLU D 112 6.17 -4.26 3.52
C GLU D 112 6.15 -3.83 2.05
N ASN D 113 7.14 -4.26 1.28
CA ASN D 113 7.10 -4.09 -0.14
C ASN D 113 5.98 -4.93 -0.75
N LYS D 114 5.97 -6.24 -0.46
CA LYS D 114 4.92 -7.14 -0.96
C LYS D 114 3.54 -6.61 -0.60
N SER D 115 3.44 -6.11 0.62
CA SER D 115 2.18 -5.57 1.15
C SER D 115 1.72 -4.36 0.32
N ALA D 116 2.69 -3.56 -0.11
CA ALA D 116 2.47 -2.38 -0.93
C ALA D 116 2.07 -2.84 -2.32
N GLU D 117 2.76 -3.86 -2.81
CA GLU D 117 2.48 -4.43 -4.13
C GLU D 117 1.06 -4.89 -4.19
N LEU D 118 0.61 -5.53 -3.12
CA LEU D 118 -0.77 -6.00 -3.11
C LEU D 118 -1.71 -4.82 -3.18
N ASN D 119 -1.29 -3.69 -2.60
CA ASN D 119 -2.08 -2.46 -2.69
C ASN D 119 -2.20 -1.94 -4.13
N TYR D 120 -1.11 -2.00 -4.90
CA TYR D 120 -1.15 -1.61 -6.30
C TYR D 120 -2.18 -2.47 -7.04
N THR D 121 -2.15 -3.78 -6.80
CA THR D 121 -3.11 -4.71 -7.38
C THR D 121 -4.51 -4.30 -6.99
N VAL D 122 -4.69 -3.96 -5.73
CA VAL D 122 -6.03 -3.56 -5.31
C VAL D 122 -6.50 -2.33 -6.12
N GLN D 123 -5.61 -1.36 -6.38
CA GLN D 123 -6.06 -0.21 -7.15
C GLN D 123 -6.32 -0.59 -8.59
N LYS D 124 -5.37 -1.30 -9.21
CA LYS D 124 -5.52 -1.72 -10.61
C LYS D 124 -6.81 -2.56 -10.77
N LEU D 125 -7.08 -3.44 -9.82
CA LEU D 125 -8.29 -4.25 -9.85
C LEU D 125 -9.51 -3.36 -9.83
N GLN D 126 -9.47 -2.29 -9.05
CA GLN D 126 -10.61 -1.38 -8.96
C GLN D 126 -10.95 -0.66 -10.27
N THR D 127 -9.92 -0.30 -11.01
CA THR D 127 -10.07 0.32 -12.31
C THR D 127 -10.80 -0.63 -13.25
N LEU D 128 -10.34 -1.88 -13.25
CA LEU D 128 -10.89 -2.93 -14.08
C LEU D 128 -12.33 -3.23 -13.70
N ILE D 129 -12.59 -3.30 -12.40
CA ILE D 129 -13.94 -3.56 -11.94
C ILE D 129 -14.89 -2.49 -12.46
N ASP D 130 -14.44 -1.24 -12.46
CA ASP D 130 -15.27 -0.14 -12.93
C ASP D 130 -15.59 -0.29 -14.44
N ASN D 131 -14.54 -0.55 -15.22
CA ASN D 131 -14.65 -0.89 -16.63
C ASN D 131 -15.65 -2.04 -16.90
N ILE D 132 -15.58 -3.11 -16.11
CA ILE D 132 -16.52 -4.22 -16.27
C ILE D 132 -17.95 -3.74 -16.01
N ASN D 133 -18.11 -2.92 -14.98
CA ASN D 133 -19.42 -2.46 -14.55
C ASN D 133 -20.05 -1.52 -15.59
N SER D 134 -19.20 -0.96 -16.45
CA SER D 134 -19.66 -0.03 -17.48
C SER D 134 -20.29 -0.72 -18.70
N THR D 135 -20.18 -2.05 -18.77
CA THR D 135 -20.63 -2.77 -19.96
C THR D 135 -22.08 -3.27 -19.92
N LEU D 136 -22.78 -3.09 -18.80
CA LEU D 136 -24.17 -3.59 -18.72
C LEU D 136 -25.07 -2.91 -19.75
N GLN E 3 -27.27 -13.81 -32.04
CA GLN E 3 -26.20 -14.54 -32.71
C GLN E 3 -25.91 -15.76 -31.84
N LYS E 4 -25.53 -16.89 -32.45
CA LYS E 4 -25.17 -18.04 -31.64
C LYS E 4 -23.65 -18.25 -31.60
N ILE E 5 -22.92 -17.46 -32.37
CA ILE E 5 -21.47 -17.40 -32.18
C ILE E 5 -21.20 -16.67 -30.85
N LEU E 6 -21.89 -15.56 -30.66
CA LEU E 6 -21.77 -14.78 -29.45
C LEU E 6 -22.22 -15.56 -28.22
N ALA E 7 -23.30 -16.31 -28.33
CA ALA E 7 -23.78 -17.07 -27.19
C ALA E 7 -22.84 -18.24 -26.86
N ALA E 8 -22.24 -18.83 -27.89
CA ALA E 8 -21.26 -19.90 -27.71
C ALA E 8 -20.01 -19.36 -27.03
N SER E 9 -19.63 -18.14 -27.40
CA SER E 9 -18.49 -17.45 -26.80
C SER E 9 -18.81 -17.07 -25.36
N PHE E 10 -20.05 -16.62 -25.14
CA PHE E 10 -20.48 -16.24 -23.81
C PHE E 10 -20.34 -17.41 -22.87
N ASN E 11 -20.80 -18.58 -23.30
CA ASN E 11 -20.77 -19.78 -22.48
C ASN E 11 -19.39 -20.27 -22.16
N LYS E 12 -18.50 -20.25 -23.15
CA LYS E 12 -17.13 -20.66 -22.93
C LYS E 12 -16.44 -19.75 -21.89
N ALA E 13 -16.62 -18.46 -22.07
CA ALA E 13 -16.09 -17.45 -21.15
C ALA E 13 -16.59 -17.64 -19.73
N MET E 14 -17.91 -17.73 -19.57
CA MET E 14 -18.51 -17.87 -18.25
C MET E 14 -18.02 -19.13 -17.59
N THR E 15 -17.89 -20.19 -18.38
CA THR E 15 -17.38 -21.45 -17.84
C THR E 15 -15.98 -21.29 -17.29
N ASN E 16 -15.12 -20.62 -18.05
CA ASN E 16 -13.75 -20.43 -17.59
C ASN E 16 -13.67 -19.41 -16.44
N ILE E 17 -14.54 -18.41 -16.46
CA ILE E 17 -14.61 -17.42 -15.40
C ILE E 17 -15.03 -18.06 -14.08
N VAL E 18 -15.95 -19.02 -14.17
CA VAL E 18 -16.38 -19.80 -13.01
C VAL E 18 -15.24 -20.67 -12.48
N ASP E 19 -14.52 -21.30 -13.40
CA ASP E 19 -13.33 -22.07 -13.02
C ASP E 19 -12.22 -21.18 -12.42
N ALA E 20 -12.00 -19.99 -12.99
CA ALA E 20 -10.95 -19.09 -12.53
C ALA E 20 -11.20 -18.59 -11.11
N PHE E 21 -12.44 -18.20 -10.84
CA PHE E 21 -12.83 -17.77 -9.51
C PHE E 21 -12.71 -18.88 -8.51
N THR E 22 -12.89 -20.11 -8.96
CA THR E 22 -12.71 -21.29 -8.10
C THR E 22 -11.24 -21.46 -7.76
N GLY E 23 -10.37 -21.21 -8.74
CA GLY E 23 -8.93 -21.22 -8.53
C GLY E 23 -8.50 -20.12 -7.57
N VAL E 24 -9.07 -18.93 -7.76
CA VAL E 24 -8.80 -17.82 -6.87
C VAL E 24 -9.29 -18.11 -5.45
N ASN E 25 -10.45 -18.77 -5.34
CA ASN E 25 -11.02 -19.16 -4.06
C ASN E 25 -10.15 -20.19 -3.32
N ASP E 26 -9.46 -21.04 -4.08
CA ASP E 26 -8.50 -21.95 -3.48
C ASP E 26 -7.33 -21.16 -2.93
N ALA E 27 -6.85 -20.19 -3.70
CA ALA E 27 -5.72 -19.37 -3.26
C ALA E 27 -6.06 -18.64 -1.97
N ILE E 28 -7.27 -18.11 -1.89
CA ILE E 28 -7.69 -17.37 -0.69
C ILE E 28 -7.74 -18.31 0.51
N THR E 29 -8.19 -19.53 0.26
CA THR E 29 -8.26 -20.56 1.29
C THR E 29 -6.88 -20.94 1.76
N GLN E 30 -5.96 -21.17 0.83
CA GLN E 30 -4.59 -21.53 1.22
C GLN E 30 -3.89 -20.41 2.02
N THR E 31 -4.17 -19.15 1.63
CA THR E 31 -3.66 -17.95 2.29
C THR E 31 -4.24 -17.79 3.69
N SER E 32 -5.53 -18.07 3.82
CA SER E 32 -6.24 -18.03 5.08
C SER E 32 -5.61 -19.00 6.09
N GLN E 33 -5.33 -20.22 5.62
CA GLN E 33 -4.78 -21.24 6.47
C GLN E 33 -3.35 -20.89 6.83
N ALA E 34 -2.58 -20.36 5.87
CA ALA E 34 -1.20 -19.95 6.14
C ALA E 34 -1.10 -18.86 7.19
N LEU E 35 -2.04 -17.91 7.19
CA LEU E 35 -2.03 -16.83 8.17
C LEU E 35 -2.25 -17.34 9.61
N GLN E 36 -3.03 -18.40 9.74
CA GLN E 36 -3.28 -19.02 11.05
C GLN E 36 -2.02 -19.67 11.56
N THR E 37 -1.32 -20.33 10.65
CA THR E 37 0.00 -20.90 10.90
C THR E 37 1.01 -19.87 11.35
N VAL E 38 0.97 -18.70 10.70
CA VAL E 38 1.84 -17.61 11.09
C VAL E 38 1.53 -17.15 12.52
N ALA E 39 0.24 -16.96 12.80
CA ALA E 39 -0.23 -16.58 14.12
C ALA E 39 0.24 -17.57 15.18
N THR E 40 0.13 -18.85 14.86
CA THR E 40 0.58 -19.89 15.76
C THR E 40 2.07 -19.78 16.00
N ALA E 41 2.84 -19.62 14.93
CA ALA E 41 4.29 -19.48 15.04
C ALA E 41 4.68 -18.25 15.85
N LEU E 42 4.02 -17.13 15.63
CA LEU E 42 4.34 -15.91 16.37
C LEU E 42 4.06 -16.08 17.85
N ASN E 43 3.01 -16.85 18.15
CA ASN E 43 2.64 -17.12 19.53
C ASN E 43 3.77 -17.87 20.26
N LYS E 44 4.26 -18.93 19.64
CA LYS E 44 5.35 -19.71 20.23
C LYS E 44 6.62 -18.90 20.44
N ILE E 45 6.97 -18.09 19.45
CA ILE E 45 8.13 -17.21 19.54
C ILE E 45 7.94 -16.30 20.74
N GLN E 46 6.72 -15.80 20.92
CA GLN E 46 6.41 -14.94 22.06
C GLN E 46 6.67 -15.63 23.40
N ASP E 47 6.16 -16.86 23.55
CA ASP E 47 6.25 -17.61 24.81
C ASP E 47 7.70 -17.85 25.18
N VAL E 48 8.43 -18.52 24.29
CA VAL E 48 9.83 -18.84 24.52
C VAL E 48 10.71 -17.59 24.72
N VAL E 49 10.54 -16.58 23.88
CA VAL E 49 11.36 -15.37 24.01
C VAL E 49 11.11 -14.70 25.35
N ASN E 50 9.86 -14.73 25.79
CA ASN E 50 9.51 -14.12 27.07
C ASN E 50 10.06 -14.89 28.28
N GLN E 51 10.26 -16.21 28.14
CA GLN E 51 10.85 -16.96 29.25
C GLN E 51 12.35 -16.73 29.38
N GLN E 52 13.05 -16.55 28.26
CA GLN E 52 14.47 -16.18 28.35
C GLN E 52 14.59 -14.80 28.99
N GLY E 53 13.51 -14.03 28.97
CA GLY E 53 13.47 -12.73 29.61
C GLY E 53 13.43 -12.84 31.13
N ILE E 101 10.51 -7.15 26.94
CA ILE E 101 9.42 -8.15 26.97
C ILE E 101 8.62 -8.06 25.64
N LEU E 102 8.47 -9.19 24.95
CA LEU E 102 7.85 -9.25 23.62
C LEU E 102 6.33 -9.38 23.61
N ASN E 103 5.66 -8.35 23.08
CA ASN E 103 4.20 -8.39 23.02
C ASN E 103 3.69 -8.42 21.58
N LEU E 104 3.14 -9.56 21.18
CA LEU E 104 2.64 -9.76 19.82
C LEU E 104 1.18 -10.19 19.77
N THR E 105 0.52 -10.13 20.93
CA THR E 105 -0.87 -10.60 21.09
C THR E 105 -1.83 -10.04 20.04
N SER E 106 -1.67 -8.76 19.74
CA SER E 106 -2.53 -8.06 18.81
C SER E 106 -2.22 -8.37 17.33
N GLU E 107 -0.94 -8.50 16.98
CA GLU E 107 -0.59 -8.92 15.64
C GLU E 107 -1.14 -10.32 15.41
N ILE E 108 -1.02 -11.15 16.44
CA ILE E 108 -1.53 -12.51 16.41
C ILE E 108 -3.04 -12.49 16.19
N SER E 109 -3.71 -11.56 16.88
CA SER E 109 -5.16 -11.46 16.85
C SER E 109 -5.62 -10.83 15.53
N THR E 110 -4.82 -9.90 15.00
CA THR E 110 -5.02 -9.36 13.66
C THR E 110 -4.98 -10.48 12.61
N LEU E 111 -3.97 -11.33 12.71
CA LEU E 111 -3.76 -12.40 11.75
C LEU E 111 -4.87 -13.45 11.79
N GLU E 112 -5.34 -13.80 12.99
CA GLU E 112 -6.46 -14.73 13.08
C GLU E 112 -7.78 -14.04 12.66
N ASN E 113 -7.89 -12.72 12.77
CA ASN E 113 -9.05 -12.01 12.22
C ASN E 113 -9.07 -12.07 10.67
N LYS E 114 -7.96 -11.71 10.05
CA LYS E 114 -7.83 -11.77 8.61
C LYS E 114 -8.11 -13.19 8.10
N SER E 115 -7.57 -14.20 8.79
CA SER E 115 -7.76 -15.59 8.42
C SER E 115 -9.21 -16.02 8.42
N ALA E 116 -9.96 -15.60 9.44
CA ALA E 116 -11.39 -15.88 9.50
C ALA E 116 -12.14 -15.06 8.44
N GLU E 117 -11.74 -13.80 8.26
CA GLU E 117 -12.36 -12.97 7.24
C GLU E 117 -12.20 -13.53 5.83
N LEU E 118 -11.03 -14.07 5.53
CA LEU E 118 -10.74 -14.63 4.22
C LEU E 118 -11.65 -15.82 3.90
N ASN E 119 -11.94 -16.63 4.89
CA ASN E 119 -12.88 -17.74 4.72
C ASN E 119 -14.31 -17.28 4.46
N TYR E 120 -14.73 -16.23 5.16
CA TYR E 120 -16.03 -15.61 4.89
C TYR E 120 -16.14 -15.09 3.46
N THR E 121 -15.07 -14.46 2.97
CA THR E 121 -15.04 -13.99 1.59
C THR E 121 -15.17 -15.18 0.62
N VAL E 122 -14.45 -16.26 0.92
CA VAL E 122 -14.52 -17.45 0.09
C VAL E 122 -15.95 -17.94 0.01
N GLN E 123 -16.65 -17.97 1.16
CA GLN E 123 -18.03 -18.45 1.21
C GLN E 123 -18.94 -17.55 0.40
N LYS E 124 -18.78 -16.25 0.58
CA LYS E 124 -19.56 -15.32 -0.19
C LYS E 124 -19.28 -15.45 -1.69
N LEU E 125 -18.02 -15.65 -2.06
CA LEU E 125 -17.64 -15.75 -3.47
C LEU E 125 -18.29 -16.93 -4.17
N GLN E 126 -18.41 -18.07 -3.50
CA GLN E 126 -19.01 -19.27 -4.07
C GLN E 126 -20.49 -19.03 -4.43
N THR E 127 -21.17 -18.19 -3.65
CA THR E 127 -22.54 -17.79 -3.97
C THR E 127 -22.53 -17.04 -5.30
N LEU E 128 -21.56 -16.15 -5.45
CA LEU E 128 -21.39 -15.40 -6.68
C LEU E 128 -20.98 -16.28 -7.87
N ILE E 129 -20.11 -17.26 -7.61
CA ILE E 129 -19.65 -18.19 -8.65
C ILE E 129 -20.81 -18.95 -9.27
N ASP E 130 -21.74 -19.39 -8.43
CA ASP E 130 -22.92 -20.11 -8.90
C ASP E 130 -23.86 -19.19 -9.70
N ASN E 131 -24.09 -17.97 -9.21
CA ASN E 131 -24.83 -16.97 -9.99
C ASN E 131 -24.30 -16.83 -11.40
N ILE E 132 -22.99 -16.69 -11.51
CA ILE E 132 -22.32 -16.60 -12.80
C ILE E 132 -22.61 -17.87 -13.59
N ASN E 133 -22.57 -19.00 -12.90
CA ASN E 133 -22.74 -20.28 -13.55
C ASN E 133 -24.17 -20.52 -14.08
N SER E 134 -25.14 -19.87 -13.46
CA SER E 134 -26.54 -20.07 -13.83
C SER E 134 -26.90 -19.32 -15.09
N THR E 135 -25.99 -18.48 -15.58
CA THR E 135 -26.29 -17.61 -16.70
C THR E 135 -26.03 -18.30 -18.04
N LEU E 136 -25.51 -19.52 -17.98
CA LEU E 136 -25.23 -20.27 -19.20
C LEU E 136 -26.55 -20.49 -19.94
N VAL E 137 -26.58 -20.08 -21.20
CA VAL E 137 -27.81 -20.07 -22.00
C VAL E 137 -28.03 -21.38 -22.73
N ILE F 5 -23.76 -4.41 -30.50
CA ILE F 5 -23.83 -3.58 -29.32
C ILE F 5 -23.55 -4.45 -28.09
N LEU F 6 -24.23 -5.58 -28.02
CA LEU F 6 -24.00 -6.61 -26.99
C LEU F 6 -22.62 -7.23 -27.18
N ALA F 7 -22.23 -7.40 -28.44
CA ALA F 7 -20.94 -8.00 -28.78
C ALA F 7 -19.76 -7.09 -28.40
N ALA F 8 -19.92 -5.79 -28.60
CA ALA F 8 -18.87 -4.82 -28.24
C ALA F 8 -18.71 -4.75 -26.72
N SER F 9 -19.83 -4.82 -26.01
CA SER F 9 -19.84 -4.82 -24.56
C SER F 9 -19.22 -6.10 -24.02
N PHE F 10 -19.58 -7.22 -24.65
CA PHE F 10 -19.04 -8.50 -24.27
C PHE F 10 -17.54 -8.47 -24.43
N ASN F 11 -17.07 -7.88 -25.53
CA ASN F 11 -15.63 -7.84 -25.76
C ASN F 11 -14.87 -6.97 -24.79
N LYS F 12 -15.38 -5.78 -24.48
CA LYS F 12 -14.68 -4.91 -23.54
C LYS F 12 -14.63 -5.59 -22.19
N ALA F 13 -15.77 -6.14 -21.77
CA ALA F 13 -15.89 -6.89 -20.53
C ALA F 13 -14.87 -8.03 -20.42
N MET F 14 -14.79 -8.88 -21.44
CA MET F 14 -13.85 -10.01 -21.43
C MET F 14 -12.41 -9.54 -21.29
N THR F 15 -12.13 -8.41 -21.95
CA THR F 15 -10.82 -7.77 -21.91
C THR F 15 -10.41 -7.36 -20.49
N ASN F 16 -11.34 -6.73 -19.76
CA ASN F 16 -11.08 -6.30 -18.39
C ASN F 16 -11.10 -7.50 -17.42
N ILE F 17 -11.93 -8.51 -17.71
CA ILE F 17 -11.94 -9.73 -16.90
C ILE F 17 -10.61 -10.46 -17.03
N VAL F 18 -10.07 -10.49 -18.25
CA VAL F 18 -8.75 -11.04 -18.46
C VAL F 18 -7.68 -10.24 -17.75
N ASP F 19 -7.77 -8.93 -17.83
CA ASP F 19 -6.85 -8.06 -17.11
C ASP F 19 -6.97 -8.22 -15.61
N ALA F 20 -8.19 -8.35 -15.13
CA ALA F 20 -8.46 -8.46 -13.71
C ALA F 20 -7.90 -9.76 -13.13
N PHE F 21 -8.14 -10.89 -13.80
CA PHE F 21 -7.59 -12.17 -13.33
C PHE F 21 -6.08 -12.18 -13.41
N THR F 22 -5.52 -11.42 -14.35
CA THR F 22 -4.08 -11.34 -14.50
C THR F 22 -3.45 -10.63 -13.29
N GLY F 23 -4.12 -9.56 -12.86
CA GLY F 23 -3.74 -8.81 -11.68
C GLY F 23 -3.88 -9.63 -10.41
N VAL F 24 -4.98 -10.39 -10.31
CA VAL F 24 -5.19 -11.26 -9.18
C VAL F 24 -4.08 -12.34 -9.09
N ASN F 25 -3.69 -12.87 -10.24
CA ASN F 25 -2.62 -13.86 -10.29
C ASN F 25 -1.26 -13.38 -9.81
N ASP F 26 -0.95 -12.13 -10.10
CA ASP F 26 0.31 -11.56 -9.61
C ASP F 26 0.21 -11.32 -8.09
N ALA F 27 -0.95 -10.88 -7.63
CA ALA F 27 -1.22 -10.76 -6.20
C ALA F 27 -1.03 -12.13 -5.50
N ILE F 28 -1.49 -13.21 -6.10
CA ILE F 28 -1.31 -14.54 -5.53
C ILE F 28 0.16 -14.96 -5.53
N THR F 29 0.88 -14.55 -6.58
CA THR F 29 2.31 -14.85 -6.72
C THR F 29 3.09 -14.14 -5.62
N GLN F 30 2.75 -12.87 -5.40
CA GLN F 30 3.36 -12.09 -4.34
C GLN F 30 3.11 -12.67 -2.96
N THR F 31 1.93 -13.25 -2.75
CA THR F 31 1.60 -13.85 -1.46
C THR F 31 2.41 -15.11 -1.26
N SER F 32 2.56 -15.89 -2.32
CA SER F 32 3.35 -17.12 -2.22
C SER F 32 4.79 -16.82 -1.83
N GLN F 33 5.36 -15.78 -2.41
CA GLN F 33 6.74 -15.39 -2.14
C GLN F 33 6.86 -14.77 -0.76
N ALA F 34 5.85 -14.01 -0.35
CA ALA F 34 5.87 -13.44 1.00
C ALA F 34 5.88 -14.59 2.01
N LEU F 35 5.15 -15.66 1.72
CA LEU F 35 5.12 -16.79 2.62
C LEU F 35 6.48 -17.47 2.69
N GLN F 36 7.22 -17.47 1.58
CA GLN F 36 8.57 -18.02 1.60
C GLN F 36 9.48 -17.12 2.45
N THR F 37 9.29 -15.80 2.32
CA THR F 37 10.01 -14.86 3.19
C THR F 37 9.73 -15.12 4.67
N VAL F 38 8.46 -15.32 5.05
CA VAL F 38 8.13 -15.60 6.45
C VAL F 38 8.77 -16.89 6.94
N ALA F 39 8.61 -17.95 6.15
CA ALA F 39 9.21 -19.25 6.41
C ALA F 39 10.71 -19.08 6.64
N THR F 40 11.36 -18.28 5.80
CA THR F 40 12.78 -17.97 6.01
C THR F 40 12.97 -17.26 7.34
N ALA F 41 12.14 -16.25 7.59
CA ALA F 41 12.23 -15.47 8.84
C ALA F 41 12.07 -16.33 10.07
N LEU F 42 11.13 -17.26 10.03
CA LEU F 42 10.87 -18.16 11.14
C LEU F 42 12.06 -19.07 11.44
N ASN F 43 12.75 -19.46 10.37
CA ASN F 43 13.93 -20.30 10.47
C ASN F 43 15.01 -19.58 11.26
N LYS F 44 15.27 -18.33 10.89
CA LYS F 44 16.30 -17.52 11.55
C LYS F 44 15.95 -17.25 13.01
N ILE F 45 14.69 -16.94 13.28
CA ILE F 45 14.22 -16.70 14.65
C ILE F 45 14.45 -17.94 15.51
N GLN F 46 14.16 -19.09 14.94
CA GLN F 46 14.31 -20.37 15.62
C GLN F 46 15.75 -20.61 16.02
N ASP F 47 16.65 -20.42 15.05
CA ASP F 47 18.08 -20.67 15.25
C ASP F 47 18.64 -19.73 16.31
N VAL F 48 18.42 -18.43 16.13
CA VAL F 48 18.94 -17.46 17.06
C VAL F 48 18.40 -17.65 18.49
N VAL F 49 17.09 -17.80 18.64
CA VAL F 49 16.48 -17.95 19.96
C VAL F 49 16.96 -19.26 20.65
N ASN F 50 17.09 -20.32 19.88
CA ASN F 50 17.55 -21.56 20.51
C ASN F 50 19.00 -21.49 20.95
N GLN F 51 19.81 -20.70 20.26
CA GLN F 51 21.21 -20.58 20.62
C GLN F 51 21.38 -19.67 21.84
N GLN F 52 20.55 -18.64 21.96
CA GLN F 52 20.59 -17.81 23.17
C GLN F 52 20.05 -18.62 24.35
N GLY F 53 19.34 -19.71 24.04
CA GLY F 53 18.80 -20.64 25.01
C GLY F 53 19.73 -21.08 26.14
N ASN F 54 21.03 -20.84 25.98
CA ASN F 54 22.01 -21.14 27.02
C ASN F 54 22.21 -19.90 27.93
N SER F 55 21.13 -19.46 28.58
CA SER F 55 21.23 -18.37 29.53
C SER F 55 21.50 -18.95 30.92
N THR F 100 12.90 -23.83 27.34
CA THR F 100 12.06 -24.32 26.24
C THR F 100 12.75 -24.16 24.89
N ILE F 101 12.72 -25.22 24.09
CA ILE F 101 13.27 -25.15 22.75
C ILE F 101 12.21 -24.69 21.77
N LEU F 102 12.54 -23.66 20.99
CA LEU F 102 11.62 -23.09 20.03
C LEU F 102 11.67 -23.96 18.80
N ASN F 103 10.55 -24.63 18.52
CA ASN F 103 10.43 -25.50 17.36
C ASN F 103 9.38 -25.00 16.38
N LEU F 104 9.80 -24.58 15.20
CA LEU F 104 8.85 -24.03 14.24
C LEU F 104 8.81 -24.87 12.97
N THR F 105 9.36 -26.08 13.08
CA THR F 105 9.49 -27.02 11.95
C THR F 105 8.23 -27.22 11.16
N SER F 106 7.10 -27.39 11.84
CA SER F 106 5.85 -27.66 11.16
C SER F 106 5.23 -26.41 10.53
N GLU F 107 5.34 -25.28 11.22
CA GLU F 107 4.86 -24.02 10.67
C GLU F 107 5.67 -23.70 9.44
N ILE F 108 6.99 -23.89 9.55
CA ILE F 108 7.86 -23.65 8.41
C ILE F 108 7.45 -24.56 7.22
N SER F 109 7.18 -25.84 7.48
CA SER F 109 6.85 -26.77 6.39
C SER F 109 5.44 -26.56 5.86
N THR F 110 4.51 -26.20 6.74
CA THR F 110 3.20 -25.80 6.26
C THR F 110 3.28 -24.62 5.29
N LEU F 111 4.05 -23.61 5.65
CA LEU F 111 4.19 -22.40 4.85
C LEU F 111 4.79 -22.65 3.46
N GLU F 112 5.79 -23.52 3.38
CA GLU F 112 6.32 -23.86 2.05
C GLU F 112 5.34 -24.75 1.25
N ASN F 113 4.50 -25.53 1.94
CA ASN F 113 3.42 -26.21 1.23
C ASN F 113 2.36 -25.25 0.71
N LYS F 114 1.88 -24.37 1.57
CA LYS F 114 0.92 -23.37 1.14
C LYS F 114 1.49 -22.56 -0.04
N SER F 115 2.77 -22.23 0.05
CA SER F 115 3.43 -21.51 -1.04
C SER F 115 3.43 -22.33 -2.33
N ALA F 116 3.62 -23.64 -2.19
CA ALA F 116 3.62 -24.56 -3.33
C ALA F 116 2.25 -24.64 -3.96
N GLU F 117 1.21 -24.78 -3.14
CA GLU F 117 -0.16 -24.82 -3.65
C GLU F 117 -0.57 -23.58 -4.41
N LEU F 118 -0.20 -22.40 -3.88
CA LEU F 118 -0.52 -21.13 -4.51
C LEU F 118 0.09 -20.99 -5.89
N ASN F 119 1.32 -21.48 -6.05
CA ASN F 119 1.99 -21.47 -7.35
C ASN F 119 1.28 -22.36 -8.34
N TYR F 120 0.91 -23.54 -7.85
CA TYR F 120 0.14 -24.49 -8.63
C TYR F 120 -1.15 -23.81 -9.09
N THR F 121 -1.78 -23.06 -8.20
CA THR F 121 -2.98 -22.31 -8.54
C THR F 121 -2.75 -21.28 -9.64
N VAL F 122 -1.67 -20.52 -9.51
CA VAL F 122 -1.30 -19.48 -10.46
C VAL F 122 -1.11 -20.02 -11.87
N GLN F 123 -0.48 -21.19 -11.97
CA GLN F 123 -0.25 -21.82 -13.26
C GLN F 123 -1.57 -22.28 -13.89
N LYS F 124 -2.42 -22.90 -13.09
CA LYS F 124 -3.75 -23.32 -13.56
C LYS F 124 -4.62 -22.14 -14.03
N LEU F 125 -4.57 -21.02 -13.29
CA LEU F 125 -5.34 -19.81 -13.62
C LEU F 125 -4.96 -19.19 -14.95
N GLN F 126 -3.67 -19.17 -15.23
CA GLN F 126 -3.17 -18.58 -16.46
C GLN F 126 -3.72 -19.21 -17.72
N THR F 127 -3.93 -20.52 -17.67
CA THR F 127 -4.59 -21.26 -18.73
C THR F 127 -6.01 -20.75 -18.93
N LEU F 128 -6.74 -20.64 -17.82
CA LEU F 128 -8.12 -20.21 -17.86
C LEU F 128 -8.23 -18.79 -18.37
N ILE F 129 -7.30 -17.94 -17.96
CA ILE F 129 -7.32 -16.56 -18.42
C ILE F 129 -7.19 -16.52 -19.95
N ASP F 130 -6.37 -17.40 -20.51
CA ASP F 130 -6.17 -17.48 -21.96
C ASP F 130 -7.45 -17.89 -22.68
N ASN F 131 -8.07 -18.95 -22.16
CA ASN F 131 -9.36 -19.42 -22.63
C ASN F 131 -10.36 -18.28 -22.67
N ILE F 132 -10.41 -17.49 -21.61
CA ILE F 132 -11.30 -16.33 -21.53
C ILE F 132 -10.96 -15.33 -22.64
N ASN F 133 -9.67 -15.09 -22.86
CA ASN F 133 -9.27 -14.11 -23.86
C ASN F 133 -9.52 -14.57 -25.30
N SER F 134 -9.66 -15.88 -25.50
CA SER F 134 -9.92 -16.40 -26.83
C SER F 134 -11.37 -16.19 -27.25
N THR F 135 -12.22 -15.74 -26.32
CA THR F 135 -13.66 -15.65 -26.58
C THR F 135 -14.09 -14.34 -27.22
N LEU F 136 -13.14 -13.41 -27.38
CA LEU F 136 -13.48 -12.12 -27.97
C LEU F 136 -13.94 -12.30 -29.41
N VAL F 137 -15.14 -11.81 -29.72
CA VAL F 137 -15.72 -11.98 -31.05
C VAL F 137 -15.37 -10.82 -31.97
#